data_8JRL
#
_entry.id   8JRL
#
_cell.length_a   40.035
_cell.length_b   85.587
_cell.length_c   113.755
_cell.angle_alpha   90.00
_cell.angle_beta   90.00
_cell.angle_gamma   90.00
#
_symmetry.space_group_name_H-M   'P 21 21 21'
#
loop_
_entity.id
_entity.type
_entity.pdbx_description
1 polymer 'Cytochrome P-450'
2 non-polymer 'PROTOPORPHYRIN IX CONTAINING FE'
3 non-polymer (2~{S})-~{N}-[(2~{S})-1-(4-fluoranyl-1~{H}-indol-3-yl)-3-oxidanyl-propan-2-yl]-3-methyl-2-sulfanyl-butanamide
4 water water
#
_entity_poly.entity_id   1
_entity_poly.type   'polypeptide(L)'
_entity_poly.pdbx_seq_one_letter_code
;MGSSHHHHHHSSGLVPRGSHMKDERAPLSYPFNEAVALDVDPLYAKLRAEEPVVRVSCPFGEDAWLVTSHADMKTILADP
RFSRALAAEHDESRLTPLPIHTSILGMDSPDHTRLRRLLAKVFTMRRVELLRPRIEQEADRLIDALIAEGPPGDLMEGFA
VPFAGTVVCDLLGVPFEDREQFRGWLDAFSATTVMTEEEIEADTERLHGYIAQLMVRRRAEPQDDLISAMVKASDEEEKL
SEKELVELASVLLIAGHETVSSQLIDSLHVLFTHPEQLRLLKDRPELMPGTVEELMRFVPLISHVTFARYATEDVELSGT
LVRAGESVLPAIPSANRDESVFENADRFDLTREHNPHLGFGYGIHRCLGAPLARLEMQVALDSLLRRLPELRCAVPAESL
EWKDGMQVRSLLELPVLW
;
_entity_poly.pdbx_strand_id   A
#
loop_
_chem_comp.id
_chem_comp.type
_chem_comp.name
_chem_comp.formula
HEM non-polymer 'PROTOPORPHYRIN IX CONTAINING FE' 'C34 H32 Fe N4 O4'
V3X non-polymer (2~{S})-~{N}-[(2~{S})-1-(4-fluoranyl-1~{H}-indol-3-yl)-3-oxidanyl-propan-2-yl]-3-methyl-2-sulfanyl-butanamide 'C16 H21 F N2 O2 S'
#
# COMPACT_ATOMS: atom_id res chain seq x y z
N PRO A 27 24.48 2.57 -16.95
CA PRO A 27 23.09 2.61 -16.45
C PRO A 27 22.92 3.62 -15.32
N LEU A 28 21.80 4.33 -15.31
CA LEU A 28 21.57 5.35 -14.29
C LEU A 28 21.37 4.70 -12.94
N SER A 29 21.93 5.32 -11.90
CA SER A 29 21.74 4.86 -10.54
C SER A 29 20.31 5.19 -10.09
N TYR A 30 19.61 4.20 -9.53
CA TYR A 30 18.22 4.41 -9.14
C TYR A 30 17.98 3.91 -7.72
N PRO A 31 17.19 4.63 -6.90
CA PRO A 31 16.43 5.86 -7.18
C PRO A 31 17.31 7.06 -7.50
N PHE A 32 16.83 7.94 -8.38
CA PHE A 32 17.62 9.11 -8.76
C PHE A 32 17.85 10.04 -7.57
N ASN A 33 16.81 10.27 -6.78
CA ASN A 33 16.88 11.10 -5.59
C ASN A 33 16.00 10.49 -4.53
N GLU A 34 16.35 10.75 -3.27
CA GLU A 34 15.51 10.28 -2.17
C GLU A 34 14.18 11.02 -2.20
N ALA A 35 13.10 10.29 -1.88
CA ALA A 35 11.78 10.90 -1.88
C ALA A 35 11.70 12.01 -0.85
N VAL A 36 11.11 13.13 -1.24
CA VAL A 36 10.89 14.27 -0.35
C VAL A 36 9.39 14.53 -0.27
N ALA A 37 8.86 14.50 0.96
CA ALA A 37 7.45 14.81 1.27
C ALA A 37 6.57 14.06 0.27
N LEU A 38 5.66 14.73 -0.43
CA LEU A 38 4.91 14.12 -1.53
C LEU A 38 5.35 14.68 -2.88
N ASP A 39 6.52 15.33 -2.94
CA ASP A 39 7.04 15.84 -4.19
C ASP A 39 7.43 14.69 -5.11
N VAL A 40 7.10 14.83 -6.38
CA VAL A 40 7.47 13.86 -7.40
C VAL A 40 8.71 14.38 -8.12
N ASP A 41 9.67 13.49 -8.35
CA ASP A 41 10.91 13.83 -9.03
C ASP A 41 10.64 14.35 -10.44
N PRO A 42 11.09 15.56 -10.80
CA PRO A 42 10.83 16.05 -12.17
C PRO A 42 11.32 15.12 -13.26
N LEU A 43 12.24 14.20 -12.96
CA LEU A 43 12.78 13.32 -13.99
C LEU A 43 11.72 12.41 -14.59
N TYR A 44 10.71 12.01 -13.81
CA TYR A 44 9.70 11.11 -14.35
C TYR A 44 8.97 11.75 -15.53
N ALA A 45 8.64 13.04 -15.42
CA ALA A 45 7.95 13.72 -16.51
C ALA A 45 8.85 13.85 -17.74
N LYS A 46 10.16 14.02 -17.53
CA LYS A 46 11.09 14.05 -18.66
C LYS A 46 11.21 12.68 -19.31
N LEU A 47 11.19 11.61 -18.51
CA LEU A 47 11.30 10.27 -19.05
C LEU A 47 10.04 9.88 -19.81
N ARG A 48 8.86 10.18 -19.25
CA ARG A 48 7.63 9.84 -19.95
C ARG A 48 7.58 10.50 -21.33
N ALA A 49 8.22 11.66 -21.48
CA ALA A 49 8.16 12.40 -22.74
C ALA A 49 9.27 12.02 -23.72
N GLU A 50 10.44 11.59 -23.25
CA GLU A 50 11.57 11.39 -24.13
C GLU A 50 12.11 9.96 -24.16
N GLU A 51 12.10 9.25 -23.03
CA GLU A 51 12.59 7.87 -22.97
C GLU A 51 11.81 7.12 -21.89
N PRO A 52 10.63 6.61 -22.23
CA PRO A 52 9.72 6.10 -21.19
C PRO A 52 10.24 4.85 -20.47
N VAL A 53 11.25 4.16 -20.99
CA VAL A 53 11.78 2.94 -20.40
C VAL A 53 13.30 3.03 -20.43
N VAL A 54 13.94 3.00 -19.26
CA VAL A 54 15.36 3.29 -19.17
C VAL A 54 16.06 2.26 -18.28
N ARG A 55 17.28 1.90 -18.66
CA ARG A 55 18.08 0.95 -17.88
C ARG A 55 18.60 1.64 -16.62
N VAL A 56 18.43 0.97 -15.47
CA VAL A 56 18.95 1.51 -14.22
C VAL A 56 19.72 0.44 -13.47
N SER A 57 20.54 0.91 -12.54
CA SER A 57 21.17 0.09 -11.52
C SER A 57 20.39 0.25 -10.22
N CYS A 58 20.09 -0.87 -9.57
CA CYS A 58 19.28 -0.91 -8.35
C CYS A 58 20.15 -0.98 -7.12
N PRO A 59 19.63 -0.55 -5.95
CA PRO A 59 20.44 -0.65 -4.73
C PRO A 59 20.83 -2.07 -4.39
N PHE A 60 19.97 -3.04 -4.68
CA PHE A 60 20.28 -4.44 -4.49
C PHE A 60 19.76 -5.24 -5.68
N GLY A 61 20.41 -6.37 -5.94
CA GLY A 61 20.04 -7.21 -7.06
C GLY A 61 20.48 -6.66 -8.40
N GLU A 62 20.05 -7.35 -9.45
CA GLU A 62 20.44 -7.09 -10.83
C GLU A 62 19.96 -5.71 -11.30
N ASP A 63 20.60 -5.21 -12.35
CA ASP A 63 20.10 -4.05 -13.06
C ASP A 63 18.70 -4.34 -13.64
N ALA A 64 17.99 -3.28 -14.01
CA ALA A 64 16.59 -3.43 -14.38
C ALA A 64 16.20 -2.36 -15.38
N TRP A 65 14.99 -2.49 -15.93
CA TRP A 65 14.39 -1.50 -16.80
C TRP A 65 13.32 -0.75 -16.01
N LEU A 66 13.51 0.55 -15.83
CA LEU A 66 12.54 1.36 -15.13
C LEU A 66 11.42 1.74 -16.10
N VAL A 67 10.19 1.42 -15.73
CA VAL A 67 9.02 1.70 -16.57
C VAL A 67 8.25 2.87 -15.96
N THR A 68 7.90 3.84 -16.79
CA THR A 68 7.33 5.09 -16.29
C THR A 68 5.96 5.47 -16.85
N SER A 69 5.51 4.87 -17.94
CA SER A 69 4.27 5.31 -18.58
C SER A 69 3.08 4.44 -18.17
N HIS A 70 1.90 5.02 -18.32
CA HIS A 70 0.66 4.32 -17.93
C HIS A 70 0.45 3.05 -18.73
N ALA A 71 0.61 3.14 -20.06
CA ALA A 71 0.31 2.01 -20.94
C ALA A 71 1.28 0.86 -20.71
N ASP A 72 2.58 1.16 -20.57
CA ASP A 72 3.54 0.11 -20.29
C ASP A 72 3.36 -0.45 -18.88
N MET A 73 2.92 0.40 -17.95
CA MET A 73 2.65 -0.08 -16.60
C MET A 73 1.60 -1.18 -16.62
N LYS A 74 0.50 -0.96 -17.34
CA LYS A 74 -0.53 -1.98 -17.49
C LYS A 74 0.00 -3.25 -18.14
N THR A 75 0.92 -3.11 -19.11
CA THR A 75 1.49 -4.28 -19.73
C THR A 75 2.25 -5.13 -18.71
N ILE A 76 3.20 -4.52 -18.02
CA ILE A 76 4.06 -5.31 -17.14
C ILE A 76 3.32 -5.80 -15.90
N LEU A 77 2.19 -5.18 -15.54
CA LEU A 77 1.44 -5.68 -14.40
C LEU A 77 0.48 -6.79 -14.78
N ALA A 78 0.00 -6.83 -16.02
CA ALA A 78 -1.07 -7.76 -16.38
C ALA A 78 -0.70 -8.78 -17.46
N ASP A 79 0.32 -8.52 -18.27
CA ASP A 79 0.57 -9.36 -19.43
C ASP A 79 1.26 -10.65 -19.00
N PRO A 80 0.78 -11.82 -19.44
CA PRO A 80 1.37 -13.08 -18.95
C PRO A 80 2.84 -13.25 -19.28
N ARG A 81 3.42 -12.41 -20.14
CA ARG A 81 4.84 -12.49 -20.45
C ARG A 81 5.72 -11.93 -19.34
N PHE A 82 5.15 -11.34 -18.28
CA PHE A 82 5.91 -10.80 -17.17
C PHE A 82 5.53 -11.55 -15.90
N SER A 83 6.53 -12.00 -15.16
CA SER A 83 6.33 -12.94 -14.07
C SER A 83 6.89 -12.40 -12.75
N ARG A 84 6.15 -12.64 -11.66
CA ARG A 84 6.68 -12.40 -10.34
C ARG A 84 7.49 -13.60 -9.83
N ALA A 85 7.05 -14.82 -10.13
CA ALA A 85 7.70 -16.00 -9.57
C ALA A 85 9.11 -16.19 -10.11
N LEU A 86 9.38 -15.69 -11.32
CA LEU A 86 10.73 -15.76 -11.88
C LEU A 86 11.75 -14.98 -11.05
N ALA A 87 11.32 -13.95 -10.32
CA ALA A 87 12.24 -13.18 -9.49
C ALA A 87 13.01 -14.09 -8.54
N ALA A 88 12.37 -15.18 -8.08
CA ALA A 88 13.03 -16.09 -7.15
C ALA A 88 14.19 -16.82 -7.80
N GLU A 89 14.18 -16.99 -9.12
CA GLU A 89 15.30 -17.61 -9.82
C GLU A 89 16.43 -16.63 -10.12
N HIS A 90 16.32 -15.37 -9.70
CA HIS A 90 17.34 -14.36 -9.92
C HIS A 90 17.74 -13.74 -8.60
N ASP A 91 18.76 -12.87 -8.65
CA ASP A 91 19.02 -11.92 -7.57
C ASP A 91 18.11 -10.71 -7.85
N GLU A 92 16.86 -10.82 -7.39
CA GLU A 92 15.77 -9.92 -7.76
C GLU A 92 16.16 -8.45 -7.64
N SER A 93 16.01 -7.70 -8.74
CA SER A 93 16.09 -6.24 -8.70
C SER A 93 15.15 -5.67 -7.63
N ARG A 94 15.69 -4.86 -6.72
CA ARG A 94 14.90 -4.43 -5.58
C ARG A 94 15.56 -3.24 -4.89
N LEU A 95 14.77 -2.58 -4.03
CA LEU A 95 15.23 -1.48 -3.20
C LEU A 95 15.53 -1.91 -1.77
N THR A 96 15.08 -3.09 -1.36
CA THR A 96 15.24 -3.63 -0.02
C THR A 96 16.46 -4.56 0.04
N PRO A 97 17.16 -4.60 1.18
CA PRO A 97 18.41 -5.40 1.24
C PRO A 97 18.21 -6.87 0.92
N LEU A 98 17.12 -7.48 1.37
CA LEU A 98 16.76 -8.84 1.04
C LEU A 98 15.44 -8.84 0.25
N PRO A 99 15.19 -9.86 -0.56
CA PRO A 99 13.87 -10.00 -1.16
C PRO A 99 12.79 -10.13 -0.08
N ILE A 100 11.67 -9.47 -0.30
CA ILE A 100 10.58 -9.51 0.66
C ILE A 100 9.78 -10.79 0.48
N HIS A 101 9.27 -11.34 1.59
CA HIS A 101 8.37 -12.50 1.55
C HIS A 101 6.98 -11.99 1.19
N THR A 102 6.75 -11.82 -0.11
CA THR A 102 5.50 -11.21 -0.65
C THR A 102 4.33 -12.20 -0.74
N SER A 103 4.51 -13.45 -0.32
CA SER A 103 3.41 -14.45 -0.32
C SER A 103 2.72 -14.52 -1.69
N ILE A 104 1.41 -14.27 -1.74
CA ILE A 104 0.64 -14.33 -2.97
C ILE A 104 1.18 -13.42 -4.06
N LEU A 105 1.66 -12.23 -3.68
CA LEU A 105 2.16 -11.24 -4.62
C LEU A 105 3.50 -11.66 -5.24
N GLY A 106 4.10 -12.75 -4.77
CA GLY A 106 5.29 -13.30 -5.39
C GLY A 106 5.04 -14.55 -6.20
N MET A 107 3.79 -14.92 -6.46
CA MET A 107 3.50 -16.16 -7.15
C MET A 107 2.94 -15.90 -8.55
N ASP A 108 3.09 -16.92 -9.39
CA ASP A 108 2.35 -17.02 -10.64
C ASP A 108 1.33 -18.14 -10.53
N SER A 109 0.43 -18.20 -11.50
CA SER A 109 -0.39 -19.39 -11.69
C SER A 109 0.52 -20.62 -11.84
N PRO A 110 0.13 -21.77 -11.28
CA PRO A 110 -1.16 -21.99 -10.60
C PRO A 110 -1.15 -21.67 -9.11
N ASP A 111 0.04 -21.50 -8.52
CA ASP A 111 0.14 -21.26 -7.08
C ASP A 111 -0.63 -20.00 -6.68
N HIS A 112 -0.50 -18.94 -7.47
CA HIS A 112 -1.20 -17.69 -7.17
C HIS A 112 -2.71 -17.91 -7.18
N THR A 113 -3.19 -18.68 -8.15
CA THR A 113 -4.62 -18.95 -8.28
C THR A 113 -5.16 -19.62 -7.02
N ARG A 114 -4.37 -20.54 -6.44
CA ARG A 114 -4.78 -21.26 -5.23
C ARG A 114 -5.00 -20.30 -4.06
N LEU A 115 -4.02 -19.43 -3.78
CA LEU A 115 -4.18 -18.48 -2.68
C LEU A 115 -5.21 -17.41 -3.02
N ARG A 116 -5.27 -17.00 -4.28
CA ARG A 116 -6.23 -15.97 -4.65
C ARG A 116 -7.66 -16.48 -4.48
N ARG A 117 -7.90 -17.74 -4.87
CA ARG A 117 -9.23 -18.33 -4.71
C ARG A 117 -9.61 -18.45 -3.24
N LEU A 118 -8.65 -18.82 -2.39
CA LEU A 118 -8.90 -18.94 -0.97
C LEU A 118 -9.40 -17.62 -0.39
N LEU A 119 -8.73 -16.52 -0.72
CA LEU A 119 -9.11 -15.21 -0.19
C LEU A 119 -10.44 -14.74 -0.76
N ALA A 120 -10.69 -15.00 -2.04
CA ALA A 120 -11.96 -14.63 -2.62
C ALA A 120 -13.12 -15.27 -1.87
N LYS A 121 -12.91 -16.48 -1.36
CA LYS A 121 -13.98 -17.17 -0.65
C LYS A 121 -14.16 -16.71 0.79
N VAL A 122 -13.12 -16.19 1.44
CA VAL A 122 -13.27 -15.81 2.85
C VAL A 122 -13.27 -14.28 3.01
N PHE A 123 -12.59 -13.58 2.11
CA PHE A 123 -12.49 -12.13 2.14
C PHE A 123 -13.47 -11.54 1.12
N THR A 124 -14.76 -11.68 1.44
CA THR A 124 -15.84 -11.34 0.52
C THR A 124 -16.30 -9.90 0.73
N MET A 125 -17.10 -9.41 -0.22
CA MET A 125 -17.67 -8.08 -0.08
CA MET A 125 -17.65 -8.07 -0.06
C MET A 125 -18.61 -8.00 1.12
N ARG A 126 -19.40 -9.06 1.33
CA ARG A 126 -20.29 -9.07 2.49
C ARG A 126 -19.52 -8.98 3.80
N ARG A 127 -18.38 -9.67 3.89
CA ARG A 127 -17.57 -9.51 5.09
C ARG A 127 -17.17 -8.05 5.28
N VAL A 128 -16.75 -7.38 4.20
CA VAL A 128 -16.31 -6.00 4.33
C VAL A 128 -17.47 -5.08 4.69
N GLU A 129 -18.61 -5.22 4.00
CA GLU A 129 -19.73 -4.33 4.30
C GLU A 129 -20.29 -4.56 5.70
N LEU A 130 -20.24 -5.79 6.21
CA LEU A 130 -20.65 -6.04 7.58
C LEU A 130 -19.71 -5.41 8.60
N LEU A 131 -18.53 -4.97 8.19
CA LEU A 131 -17.63 -4.29 9.09
C LEU A 131 -17.95 -2.81 9.24
N ARG A 132 -18.73 -2.25 8.33
CA ARG A 132 -18.92 -0.80 8.33
C ARG A 132 -19.38 -0.25 9.68
N PRO A 133 -20.36 -0.84 10.39
CA PRO A 133 -20.74 -0.27 11.70
C PRO A 133 -19.61 -0.22 12.71
N ARG A 134 -18.75 -1.25 12.74
CA ARG A 134 -17.62 -1.21 13.66
C ARG A 134 -16.59 -0.17 13.22
N ILE A 135 -16.37 -0.05 11.92
CA ILE A 135 -15.41 0.94 11.40
C ILE A 135 -15.90 2.35 11.71
N GLU A 136 -17.18 2.63 11.44
CA GLU A 136 -17.72 3.95 11.76
C GLU A 136 -17.65 4.21 13.27
N GLN A 137 -17.87 3.18 14.08
CA GLN A 137 -17.81 3.37 15.52
C GLN A 137 -16.38 3.65 15.99
N GLU A 138 -15.39 3.05 15.33
CA GLU A 138 -14.01 3.30 15.74
C GLU A 138 -13.57 4.71 15.36
N ALA A 139 -13.98 5.19 14.18
CA ALA A 139 -13.68 6.57 13.82
C ALA A 139 -14.28 7.54 14.83
N ASP A 140 -15.53 7.31 15.25
CA ASP A 140 -16.15 8.21 16.23
C ASP A 140 -15.45 8.11 17.58
N ARG A 141 -15.00 6.91 17.96
CA ARG A 141 -14.32 6.77 19.25
C ARG A 141 -12.97 7.48 19.24
N LEU A 142 -12.24 7.39 18.12
CA LEU A 142 -10.95 8.07 18.08
C LEU A 142 -11.13 9.58 18.10
N ILE A 143 -12.17 10.10 17.45
CA ILE A 143 -12.36 11.54 17.46
C ILE A 143 -12.82 12.00 18.85
N ASP A 144 -13.68 11.22 19.52
CA ASP A 144 -14.02 11.50 20.92
C ASP A 144 -12.78 11.67 21.78
N ALA A 145 -11.80 10.79 21.59
CA ALA A 145 -10.57 10.87 22.38
C ALA A 145 -9.76 12.11 22.02
N LEU A 146 -9.64 12.41 20.73
CA LEU A 146 -8.94 13.61 20.29
C LEU A 146 -9.53 14.86 20.93
N ILE A 147 -10.86 14.97 20.91
CA ILE A 147 -11.54 16.14 21.47
C ILE A 147 -11.37 16.19 22.98
N ALA A 148 -11.52 15.04 23.64
CA ALA A 148 -11.35 15.02 25.11
C ALA A 148 -9.94 15.42 25.51
N GLU A 149 -8.94 15.09 24.72
CA GLU A 149 -7.57 15.48 25.04
C GLU A 149 -7.23 16.90 24.59
N GLY A 150 -8.05 17.50 23.74
CA GLY A 150 -7.85 18.88 23.34
C GLY A 150 -6.77 19.07 22.29
N PRO A 151 -6.82 20.21 21.58
CA PRO A 151 -5.81 20.51 20.57
C PRO A 151 -4.52 21.01 21.20
N PRO A 152 -3.37 20.87 20.52
CA PRO A 152 -3.26 20.24 19.19
C PRO A 152 -3.29 18.71 19.27
N GLY A 153 -3.82 18.08 18.22
CA GLY A 153 -3.86 16.63 18.18
C GLY A 153 -2.93 16.12 17.09
N ASP A 154 -2.61 14.83 17.12
CA ASP A 154 -1.79 14.22 16.08
C ASP A 154 -2.70 13.27 15.31
N LEU A 155 -2.96 13.60 14.04
CA LEU A 155 -3.85 12.77 13.19
C LEU A 155 -3.15 11.47 12.78
N MET A 156 -1.84 11.35 13.00
CA MET A 156 -1.12 10.10 12.63
C MET A 156 -1.23 9.10 13.80
N GLU A 157 -0.47 9.32 14.87
CA GLU A 157 -0.55 8.43 16.04
C GLU A 157 -1.89 8.53 16.75
N GLY A 158 -2.59 9.66 16.63
CA GLY A 158 -3.86 9.78 17.30
C GLY A 158 -5.08 9.46 16.45
N PHE A 159 -4.90 9.14 15.17
CA PHE A 159 -6.05 8.74 14.37
C PHE A 159 -5.71 7.70 13.31
N ALA A 160 -4.87 8.04 12.32
CA ALA A 160 -4.68 7.16 11.17
C ALA A 160 -4.09 5.81 11.57
N VAL A 161 -3.09 5.81 12.45
CA VAL A 161 -2.44 4.57 12.88
C VAL A 161 -3.43 3.70 13.66
N PRO A 162 -4.02 4.16 14.77
CA PRO A 162 -4.93 3.26 15.50
C PRO A 162 -6.21 2.95 14.74
N PHE A 163 -6.64 3.82 13.82
CA PHE A 163 -7.82 3.51 13.01
C PHE A 163 -7.53 2.36 12.06
N ALA A 164 -6.47 2.50 11.25
CA ALA A 164 -6.08 1.42 10.37
C ALA A 164 -5.81 0.16 11.15
N GLY A 165 -5.15 0.30 12.31
CA GLY A 165 -4.74 -0.86 13.08
C GLY A 165 -5.89 -1.64 13.67
N THR A 166 -6.86 -0.95 14.29
CA THR A 166 -7.98 -1.70 14.88
C THR A 166 -8.82 -2.37 13.80
N VAL A 167 -8.94 -1.73 12.64
CA VAL A 167 -9.75 -2.30 11.56
C VAL A 167 -9.12 -3.59 11.05
N VAL A 168 -7.81 -3.57 10.71
CA VAL A 168 -7.20 -4.80 10.19
C VAL A 168 -7.09 -5.86 11.27
N CYS A 169 -6.84 -5.47 12.52
CA CYS A 169 -6.78 -6.46 13.60
C CYS A 169 -8.14 -7.11 13.81
N ASP A 170 -9.20 -6.32 13.73
CA ASP A 170 -10.56 -6.85 13.81
C ASP A 170 -10.83 -7.83 12.65
N LEU A 171 -10.52 -7.42 11.42
CA LEU A 171 -10.72 -8.27 10.25
C LEU A 171 -9.92 -9.58 10.35
N LEU A 172 -8.62 -9.48 10.63
CA LEU A 172 -7.76 -10.64 10.58
C LEU A 172 -7.87 -11.53 11.81
N GLY A 173 -8.17 -10.96 12.97
CA GLY A 173 -8.10 -11.69 14.21
C GLY A 173 -6.79 -11.60 14.94
N VAL A 174 -5.92 -10.68 14.56
CA VAL A 174 -4.72 -10.36 15.35
C VAL A 174 -5.15 -9.47 16.52
N PRO A 175 -4.76 -9.78 17.75
CA PRO A 175 -5.17 -8.91 18.88
C PRO A 175 -4.52 -7.54 18.77
N PHE A 176 -5.34 -6.49 18.66
CA PHE A 176 -4.81 -5.13 18.67
C PHE A 176 -3.96 -4.86 19.89
N GLU A 177 -4.23 -5.54 21.02
CA GLU A 177 -3.45 -5.36 22.25
C GLU A 177 -2.03 -5.88 22.15
N ASP A 178 -1.73 -6.72 21.17
CA ASP A 178 -0.37 -7.19 20.91
C ASP A 178 0.45 -6.22 20.06
N ARG A 179 -0.14 -5.07 19.70
CA ARG A 179 0.54 -4.11 18.84
C ARG A 179 1.90 -3.70 19.41
N GLU A 180 2.00 -3.54 20.73
CA GLU A 180 3.28 -3.16 21.31
C GLU A 180 4.39 -4.15 20.98
N GLN A 181 4.08 -5.42 20.74
CA GLN A 181 5.18 -6.27 20.29
C GLN A 181 5.28 -6.39 18.77
N PHE A 182 4.18 -6.53 18.03
CA PHE A 182 4.38 -6.77 16.59
C PHE A 182 4.69 -5.50 15.80
N ARG A 183 4.33 -4.31 16.30
CA ARG A 183 4.45 -3.13 15.46
C ARG A 183 5.89 -2.82 15.10
N GLY A 184 6.83 -3.06 16.02
CA GLY A 184 8.23 -2.87 15.73
C GLY A 184 8.83 -3.85 14.76
N TRP A 185 8.10 -4.89 14.36
CA TRP A 185 8.63 -5.82 13.36
C TRP A 185 8.21 -5.49 11.93
N LEU A 186 7.15 -4.70 11.74
CA LEU A 186 6.60 -4.52 10.40
C LEU A 186 7.55 -3.78 9.47
N ASP A 187 8.35 -2.85 10.01
CA ASP A 187 9.28 -2.08 9.18
C ASP A 187 10.20 -2.98 8.37
N ALA A 188 10.51 -4.18 8.87
CA ALA A 188 11.43 -5.07 8.15
C ALA A 188 10.89 -5.52 6.81
N PHE A 189 9.58 -5.38 6.56
CA PHE A 189 9.03 -5.74 5.28
C PHE A 189 9.09 -4.59 4.27
N SER A 190 9.49 -3.41 4.71
CA SER A 190 9.43 -2.21 3.90
C SER A 190 10.74 -1.43 3.87
N ALA A 191 11.65 -1.67 4.80
CA ALA A 191 12.81 -0.80 4.95
C ALA A 191 13.76 -0.97 3.77
N THR A 192 14.27 0.15 3.26
CA THR A 192 15.20 0.14 2.15
C THR A 192 16.62 0.45 2.58
N THR A 193 16.85 1.58 3.24
CA THR A 193 18.18 2.01 3.61
C THR A 193 18.45 1.99 5.11
N VAL A 194 17.46 1.67 5.95
CA VAL A 194 17.52 1.99 7.37
C VAL A 194 17.70 0.76 8.26
N MET A 195 17.71 -0.45 7.70
CA MET A 195 17.94 -1.66 8.51
C MET A 195 18.96 -2.56 7.85
N THR A 196 19.75 -3.27 8.64
CA THR A 196 20.68 -4.25 8.10
C THR A 196 19.96 -5.54 7.79
N GLU A 197 20.60 -6.37 6.95
CA GLU A 197 20.03 -7.66 6.58
CA GLU A 197 19.95 -7.62 6.60
C GLU A 197 19.78 -8.52 7.82
N GLU A 198 20.71 -8.45 8.78
CA GLU A 198 20.56 -9.23 10.01
CA GLU A 198 20.56 -9.23 10.01
C GLU A 198 19.33 -8.80 10.79
N GLU A 199 19.10 -7.48 10.91
CA GLU A 199 17.92 -6.99 11.62
C GLU A 199 16.65 -7.37 10.87
N ILE A 200 16.69 -7.32 9.54
CA ILE A 200 15.53 -7.68 8.73
C ILE A 200 15.18 -9.16 8.89
N GLU A 201 16.18 -10.03 8.85
CA GLU A 201 15.91 -11.46 9.01
C GLU A 201 15.33 -11.77 10.39
N ALA A 202 15.90 -11.17 11.44
CA ALA A 202 15.40 -11.44 12.79
C ALA A 202 13.95 -11.00 12.96
N ASP A 203 13.63 -9.78 12.51
CA ASP A 203 12.28 -9.24 12.69
C ASP A 203 11.27 -9.96 11.80
N THR A 204 11.67 -10.33 10.58
CA THR A 204 10.78 -11.13 9.74
C THR A 204 10.44 -12.47 10.40
N GLU A 205 11.46 -13.17 10.92
CA GLU A 205 11.22 -14.39 11.67
C GLU A 205 10.35 -14.15 12.91
N ARG A 206 10.50 -13.01 13.58
CA ARG A 206 9.68 -12.74 14.75
C ARG A 206 8.21 -12.57 14.37
N LEU A 207 7.92 -11.87 13.26
CA LEU A 207 6.52 -11.70 12.86
C LEU A 207 5.91 -13.03 12.43
N HIS A 208 6.63 -13.78 11.59
CA HIS A 208 6.14 -15.10 11.15
C HIS A 208 5.90 -16.00 12.36
N GLY A 209 6.85 -16.04 13.30
CA GLY A 209 6.67 -16.87 14.49
C GLY A 209 5.49 -16.45 15.34
N TYR A 210 5.24 -15.14 15.42
CA TYR A 210 4.09 -14.67 16.18
C TYR A 210 2.76 -15.06 15.52
N ILE A 211 2.68 -14.94 14.19
CA ILE A 211 1.46 -15.35 13.48
C ILE A 211 1.27 -16.87 13.57
N ALA A 212 2.38 -17.62 13.49
CA ALA A 212 2.30 -19.07 13.59
C ALA A 212 1.65 -19.51 14.91
N GLN A 213 2.00 -18.83 16.01
CA GLN A 213 1.44 -19.23 17.29
C GLN A 213 -0.02 -18.80 17.40
N LEU A 214 -0.39 -17.69 16.75
CA LEU A 214 -1.78 -17.30 16.69
C LEU A 214 -2.61 -18.32 15.93
N MET A 215 -2.04 -18.91 14.88
CA MET A 215 -2.80 -19.88 14.12
C MET A 215 -3.05 -21.15 14.92
N VAL A 216 -2.13 -21.55 15.80
CA VAL A 216 -2.39 -22.69 16.67
C VAL A 216 -3.61 -22.45 17.53
N ARG A 217 -3.72 -21.25 18.10
CA ARG A 217 -4.88 -20.92 18.90
C ARG A 217 -6.14 -20.87 18.05
N ARG A 218 -6.06 -20.19 16.90
CA ARG A 218 -7.24 -20.00 16.05
C ARG A 218 -7.70 -21.31 15.42
N ARG A 219 -6.78 -22.22 15.14
CA ARG A 219 -7.19 -23.55 14.70
C ARG A 219 -8.02 -24.25 15.76
N ALA A 220 -7.62 -24.13 17.03
CA ALA A 220 -8.34 -24.82 18.08
C ALA A 220 -9.60 -24.09 18.51
N GLU A 221 -9.62 -22.77 18.38
CA GLU A 221 -10.70 -21.95 18.92
C GLU A 221 -11.07 -20.90 17.88
N PRO A 222 -11.74 -21.29 16.80
CA PRO A 222 -12.04 -20.35 15.71
C PRO A 222 -12.85 -19.15 16.17
N GLN A 223 -12.53 -17.99 15.61
CA GLN A 223 -13.26 -16.75 15.86
C GLN A 223 -13.82 -16.23 14.54
N ASP A 224 -14.64 -15.19 14.61
CA ASP A 224 -15.16 -14.54 13.40
C ASP A 224 -14.12 -13.57 12.84
N ASP A 225 -13.08 -14.12 12.22
CA ASP A 225 -12.02 -13.32 11.60
C ASP A 225 -11.41 -14.10 10.44
N LEU A 226 -10.52 -13.44 9.71
CA LEU A 226 -10.02 -14.03 8.47
C LEU A 226 -9.05 -15.18 8.72
N ILE A 227 -8.17 -15.04 9.72
CA ILE A 227 -7.20 -16.10 10.00
C ILE A 227 -7.92 -17.41 10.30
N SER A 228 -8.96 -17.36 11.14
CA SER A 228 -9.71 -18.55 11.47
C SER A 228 -10.34 -19.15 10.22
N ALA A 229 -10.94 -18.30 9.39
CA ALA A 229 -11.61 -18.77 8.18
C ALA A 229 -10.62 -19.36 7.21
N MET A 230 -9.43 -18.75 7.10
CA MET A 230 -8.41 -19.28 6.20
C MET A 230 -7.89 -20.61 6.71
N VAL A 231 -7.59 -20.69 8.01
CA VAL A 231 -7.13 -21.96 8.57
C VAL A 231 -8.16 -23.05 8.34
N LYS A 232 -9.44 -22.72 8.56
CA LYS A 232 -10.52 -23.68 8.39
C LYS A 232 -10.68 -24.09 6.93
N ALA A 233 -10.69 -23.12 6.02
CA ALA A 233 -10.85 -23.45 4.60
C ALA A 233 -9.65 -24.25 4.09
N SER A 234 -8.44 -23.91 4.52
CA SER A 234 -7.26 -24.65 4.09
C SER A 234 -7.23 -26.06 4.67
N ASP A 235 -7.59 -26.21 5.96
CA ASP A 235 -7.53 -27.54 6.59
C ASP A 235 -8.51 -28.50 5.92
N GLU A 236 -9.69 -28.02 5.54
CA GLU A 236 -10.72 -28.91 5.00
C GLU A 236 -10.34 -29.45 3.62
N GLU A 237 -9.54 -28.68 2.86
CA GLU A 237 -9.16 -29.10 1.48
C GLU A 237 -7.65 -29.23 1.31
N GLU A 238 -6.88 -29.08 2.39
CA GLU A 238 -5.41 -29.14 2.34
C GLU A 238 -4.85 -28.30 1.20
N LYS A 239 -5.34 -27.06 1.09
CA LYS A 239 -5.00 -26.22 -0.05
C LYS A 239 -3.66 -25.50 0.14
N LEU A 240 -3.31 -25.14 1.37
CA LEU A 240 -2.11 -24.35 1.64
C LEU A 240 -1.30 -25.02 2.75
N SER A 241 0.01 -24.89 2.68
CA SER A 241 0.85 -25.32 3.78
C SER A 241 0.78 -24.31 4.92
N GLU A 242 1.34 -24.70 6.08
CA GLU A 242 1.36 -23.79 7.22
C GLU A 242 2.20 -22.55 6.92
N LYS A 243 3.35 -22.73 6.27
CA LYS A 243 4.18 -21.58 5.91
C LYS A 243 3.43 -20.62 4.98
N GLU A 244 2.72 -21.13 3.97
CA GLU A 244 1.99 -20.25 3.07
C GLU A 244 0.94 -19.44 3.82
N LEU A 245 0.20 -20.10 4.73
CA LEU A 245 -0.79 -19.39 5.54
C LEU A 245 -0.14 -18.30 6.39
N VAL A 246 0.97 -18.63 7.06
CA VAL A 246 1.67 -17.69 7.92
C VAL A 246 2.12 -16.47 7.12
N GLU A 247 2.78 -16.70 5.99
CA GLU A 247 3.28 -15.60 5.16
C GLU A 247 2.14 -14.78 4.56
N LEU A 248 1.01 -15.40 4.24
CA LEU A 248 -0.12 -14.67 3.69
C LEU A 248 -0.77 -13.77 4.74
N ALA A 249 -1.06 -14.32 5.92
CA ALA A 249 -1.60 -13.51 7.00
C ALA A 249 -0.67 -12.36 7.35
N SER A 250 0.65 -12.58 7.28
CA SER A 250 1.60 -11.51 7.57
C SER A 250 1.46 -10.35 6.61
N VAL A 251 1.39 -10.61 5.29
CA VAL A 251 1.31 -9.49 4.35
C VAL A 251 -0.03 -8.79 4.46
N LEU A 252 -1.09 -9.50 4.83
CA LEU A 252 -2.38 -8.82 5.03
C LEU A 252 -2.31 -7.86 6.21
N LEU A 253 -1.51 -8.20 7.22
CA LEU A 253 -1.39 -7.32 8.37
C LEU A 253 -0.56 -6.08 8.03
N ILE A 254 0.53 -6.27 7.29
CA ILE A 254 1.30 -5.13 6.81
C ILE A 254 0.44 -4.23 5.93
N ALA A 255 -0.33 -4.81 5.00
CA ALA A 255 -1.15 -4.01 4.09
C ALA A 255 -2.20 -3.20 4.86
N GLY A 256 -2.91 -3.84 5.78
CA GLY A 256 -3.95 -3.14 6.51
C GLY A 256 -3.41 -2.16 7.53
N HIS A 257 -2.27 -2.49 8.15
CA HIS A 257 -1.77 -1.61 9.21
C HIS A 257 -0.96 -0.46 8.62
N GLU A 258 -0.07 -0.75 7.68
CA GLU A 258 0.92 0.22 7.24
C GLU A 258 0.48 0.97 5.99
N THR A 259 0.02 0.25 4.96
CA THR A 259 -0.39 0.93 3.73
C THR A 259 -1.59 1.83 3.97
N VAL A 260 -2.62 1.32 4.66
CA VAL A 260 -3.83 2.11 4.88
C VAL A 260 -3.52 3.38 5.65
N SER A 261 -2.77 3.25 6.76
CA SER A 261 -2.49 4.44 7.56
C SER A 261 -1.59 5.42 6.82
N SER A 262 -0.69 4.92 5.95
CA SER A 262 0.14 5.82 5.15
C SER A 262 -0.68 6.58 4.12
N GLN A 263 -1.54 5.88 3.38
CA GLN A 263 -2.37 6.55 2.38
C GLN A 263 -3.33 7.53 3.05
N LEU A 264 -3.88 7.15 4.20
CA LEU A 264 -4.79 8.05 4.90
C LEU A 264 -4.07 9.32 5.35
N ILE A 265 -2.90 9.19 5.97
CA ILE A 265 -2.23 10.40 6.45
C ILE A 265 -1.71 11.24 5.29
N ASP A 266 -1.25 10.62 4.21
CA ASP A 266 -0.82 11.40 3.06
C ASP A 266 -2.00 12.10 2.41
N SER A 267 -3.17 11.46 2.43
CA SER A 267 -4.35 12.07 1.83
C SER A 267 -4.78 13.31 2.61
N LEU A 268 -4.74 13.23 3.95
CA LEU A 268 -5.06 14.40 4.77
C LEU A 268 -4.09 15.54 4.50
N HIS A 269 -2.81 15.22 4.29
CA HIS A 269 -1.84 16.24 3.94
C HIS A 269 -2.19 16.91 2.60
N VAL A 270 -2.61 16.12 1.61
CA VAL A 270 -3.02 16.67 0.32
C VAL A 270 -4.24 17.58 0.48
N LEU A 271 -5.20 17.18 1.31
CA LEU A 271 -6.40 18.00 1.46
C LEU A 271 -6.07 19.32 2.17
N PHE A 272 -5.23 19.27 3.21
CA PHE A 272 -4.84 20.47 3.92
C PHE A 272 -4.08 21.44 3.02
N THR A 273 -3.26 20.93 2.11
CA THR A 273 -2.48 21.79 1.24
C THR A 273 -3.23 22.19 -0.04
N HIS A 274 -4.43 21.67 -0.26
CA HIS A 274 -5.32 22.13 -1.32
C HIS A 274 -6.63 22.59 -0.69
N PRO A 275 -6.61 23.73 0.01
CA PRO A 275 -7.79 24.15 0.80
C PRO A 275 -9.03 24.42 -0.04
N GLU A 276 -8.87 24.69 -1.33
CA GLU A 276 -10.04 24.95 -2.16
C GLU A 276 -10.77 23.66 -2.49
N GLN A 277 -10.03 22.57 -2.70
CA GLN A 277 -10.65 21.27 -2.91
C GLN A 277 -11.32 20.77 -1.63
N LEU A 278 -10.71 21.03 -0.48
CA LEU A 278 -11.33 20.66 0.79
C LEU A 278 -12.65 21.40 0.99
N ARG A 279 -12.72 22.69 0.60
CA ARG A 279 -13.99 23.41 0.70
C ARG A 279 -15.04 22.80 -0.20
N LEU A 280 -14.64 22.41 -1.42
CA LEU A 280 -15.58 21.77 -2.34
C LEU A 280 -16.11 20.45 -1.77
N LEU A 281 -15.25 19.68 -1.12
CA LEU A 281 -15.68 18.38 -0.59
C LEU A 281 -16.67 18.57 0.56
N LYS A 282 -16.44 19.56 1.42
CA LYS A 282 -17.34 19.80 2.54
C LYS A 282 -18.68 20.38 2.09
N ASP A 283 -18.70 21.02 0.92
CA ASP A 283 -19.94 21.65 0.39
C ASP A 283 -20.72 20.66 -0.47
N ARG A 284 -20.08 19.58 -0.93
CA ARG A 284 -20.74 18.58 -1.75
C ARG A 284 -20.24 17.20 -1.31
N PRO A 285 -20.83 16.65 -0.26
CA PRO A 285 -20.32 15.37 0.27
C PRO A 285 -20.49 14.20 -0.69
N GLU A 286 -21.34 14.33 -1.70
CA GLU A 286 -21.45 13.26 -2.69
C GLU A 286 -20.21 13.09 -3.54
N LEU A 287 -19.23 13.99 -3.42
CA LEU A 287 -17.98 13.86 -4.16
C LEU A 287 -16.98 12.92 -3.46
N MET A 288 -17.33 12.38 -2.29
CA MET A 288 -16.39 11.57 -1.53
C MET A 288 -15.92 10.32 -2.25
N PRO A 289 -16.77 9.55 -2.95
CA PRO A 289 -16.23 8.40 -3.68
C PRO A 289 -15.21 8.79 -4.74
N GLY A 290 -15.50 9.82 -5.54
CA GLY A 290 -14.55 10.27 -6.53
C GLY A 290 -13.33 10.91 -5.91
N THR A 291 -13.50 11.54 -4.75
CA THR A 291 -12.37 12.09 -4.01
C THR A 291 -11.38 11.00 -3.59
N VAL A 292 -11.87 9.87 -3.05
CA VAL A 292 -10.96 8.80 -2.63
C VAL A 292 -10.18 8.27 -3.83
N GLU A 293 -10.84 8.13 -4.99
CA GLU A 293 -10.11 7.65 -6.17
C GLU A 293 -9.06 8.67 -6.63
N GLU A 294 -9.36 9.97 -6.56
CA GLU A 294 -8.38 10.96 -6.97
C GLU A 294 -7.21 11.05 -6.00
N LEU A 295 -7.45 10.78 -4.71
CA LEU A 295 -6.36 10.68 -3.75
C LEU A 295 -5.48 9.45 -4.03
N MET A 296 -6.12 8.32 -4.39
CA MET A 296 -5.36 7.13 -4.76
C MET A 296 -4.45 7.41 -5.95
N ARG A 297 -4.94 8.17 -6.92
CA ARG A 297 -4.16 8.52 -8.10
C ARG A 297 -3.07 9.53 -7.78
N PHE A 298 -3.43 10.64 -7.13
CA PHE A 298 -2.52 11.79 -6.97
C PHE A 298 -1.45 11.53 -5.90
N VAL A 299 -1.80 10.92 -4.77
CA VAL A 299 -0.82 10.70 -3.72
C VAL A 299 0.23 9.74 -4.28
N PRO A 300 1.51 10.13 -4.35
CA PRO A 300 2.54 9.20 -4.82
C PRO A 300 2.99 8.29 -3.68
N LEU A 301 2.07 7.40 -3.30
CA LEU A 301 2.22 6.64 -2.05
C LEU A 301 3.42 5.70 -2.10
N ILE A 302 3.57 4.95 -3.18
CA ILE A 302 4.78 4.16 -3.37
C ILE A 302 5.96 5.12 -3.52
N SER A 303 7.02 4.89 -2.74
CA SER A 303 8.12 5.86 -2.73
C SER A 303 8.79 5.93 -4.09
N HIS A 304 8.92 4.79 -4.77
CA HIS A 304 9.57 4.76 -6.07
C HIS A 304 8.91 3.75 -6.98
N VAL A 305 9.12 2.45 -6.72
CA VAL A 305 8.56 1.40 -7.54
C VAL A 305 7.93 0.35 -6.65
N THR A 306 7.07 -0.46 -7.25
CA THR A 306 6.59 -1.66 -6.59
C THR A 306 7.51 -2.80 -7.00
N PHE A 307 7.10 -4.05 -6.78
CA PHE A 307 8.01 -5.18 -6.91
C PHE A 307 8.32 -5.50 -8.37
N ALA A 308 9.57 -5.85 -8.63
CA ALA A 308 10.04 -6.19 -9.97
C ALA A 308 9.28 -7.37 -10.57
N ARG A 309 9.08 -7.31 -11.87
CA ARG A 309 8.67 -8.47 -12.66
C ARG A 309 9.81 -8.84 -13.60
N TYR A 310 9.79 -10.08 -14.07
CA TYR A 310 10.80 -10.55 -15.01
C TYR A 310 10.12 -10.99 -16.29
N ALA A 311 10.75 -10.68 -17.43
CA ALA A 311 10.22 -11.05 -18.73
C ALA A 311 10.43 -12.54 -18.97
N THR A 312 9.39 -13.21 -19.47
CA THR A 312 9.55 -14.59 -19.91
C THR A 312 9.85 -14.68 -21.41
N GLU A 313 9.59 -13.61 -22.15
CA GLU A 313 9.84 -13.51 -23.58
C GLU A 313 10.32 -12.10 -23.88
N ASP A 314 10.97 -11.94 -25.05
CA ASP A 314 11.26 -10.61 -25.56
C ASP A 314 9.97 -9.81 -25.73
N VAL A 315 9.95 -8.59 -25.19
CA VAL A 315 8.81 -7.69 -25.28
C VAL A 315 9.34 -6.29 -25.54
N GLU A 316 8.75 -5.59 -26.52
CA GLU A 316 9.08 -4.20 -26.77
C GLU A 316 8.13 -3.29 -26.00
N LEU A 317 8.69 -2.35 -25.25
CA LEU A 317 7.92 -1.39 -24.47
C LEU A 317 8.39 0.01 -24.83
N SER A 318 7.53 0.80 -25.49
CA SER A 318 7.83 2.19 -25.85
C SER A 318 9.15 2.30 -26.62
N GLY A 319 9.36 1.40 -27.58
CA GLY A 319 10.57 1.44 -28.39
C GLY A 319 11.79 0.79 -27.76
N THR A 320 11.68 0.31 -26.52
CA THR A 320 12.77 -0.34 -25.83
C THR A 320 12.50 -1.84 -25.76
N LEU A 321 13.48 -2.64 -26.20
CA LEU A 321 13.34 -4.10 -26.18
C LEU A 321 13.78 -4.64 -24.83
N VAL A 322 12.87 -5.30 -24.13
CA VAL A 322 13.16 -5.97 -22.87
C VAL A 322 13.33 -7.44 -23.18
N ARG A 323 14.54 -7.97 -23.01
CA ARG A 323 14.78 -9.35 -23.37
C ARG A 323 14.33 -10.27 -22.23
N ALA A 324 14.04 -11.51 -22.61
CA ALA A 324 13.68 -12.54 -21.64
C ALA A 324 14.75 -12.65 -20.57
N GLY A 325 14.34 -12.79 -19.32
CA GLY A 325 15.26 -12.89 -18.21
C GLY A 325 15.66 -11.56 -17.62
N GLU A 326 15.20 -10.45 -18.20
CA GLU A 326 15.46 -9.11 -17.67
C GLU A 326 14.26 -8.64 -16.86
N SER A 327 14.53 -7.76 -15.89
CA SER A 327 13.51 -7.27 -14.98
C SER A 327 13.01 -5.89 -15.38
N VAL A 328 11.79 -5.57 -14.94
CA VAL A 328 11.16 -4.27 -15.14
C VAL A 328 10.66 -3.79 -13.77
N LEU A 329 10.92 -2.50 -13.46
CA LEU A 329 10.42 -1.92 -12.21
C LEU A 329 9.19 -1.07 -12.51
N PRO A 330 8.03 -1.37 -11.92
CA PRO A 330 6.84 -0.57 -12.22
C PRO A 330 6.71 0.65 -11.32
N ALA A 331 7.00 1.83 -11.87
CA ALA A 331 6.89 3.10 -11.12
C ALA A 331 5.45 3.63 -11.20
N ILE A 332 4.57 2.92 -10.48
CA ILE A 332 3.13 3.22 -10.47
C ILE A 332 2.84 4.70 -10.22
N PRO A 333 3.50 5.39 -9.28
CA PRO A 333 3.22 6.84 -9.13
C PRO A 333 3.44 7.65 -10.41
N SER A 334 4.44 7.30 -11.23
CA SER A 334 4.64 7.99 -12.49
C SER A 334 3.54 7.68 -13.50
N ALA A 335 3.07 6.44 -13.54
CA ALA A 335 1.93 6.10 -14.39
C ALA A 335 0.73 6.96 -14.07
N ASN A 336 0.52 7.24 -12.79
CA ASN A 336 -0.64 8.00 -12.35
C ASN A 336 -0.51 9.49 -12.63
N ARG A 337 0.66 9.95 -13.08
CA ARG A 337 0.87 11.31 -13.51
C ARG A 337 1.01 11.42 -15.03
N ASP A 338 0.64 10.37 -15.76
CA ASP A 338 0.82 10.32 -17.20
C ASP A 338 -0.16 11.25 -17.89
N GLU A 339 0.35 12.30 -18.52
CA GLU A 339 -0.52 13.33 -19.11
C GLU A 339 -1.24 12.83 -20.37
N SER A 340 -0.83 11.73 -20.97
CA SER A 340 -1.58 11.20 -22.09
C SER A 340 -2.82 10.42 -21.64
N VAL A 341 -3.04 10.27 -20.33
CA VAL A 341 -4.15 9.53 -19.78
C VAL A 341 -5.05 10.43 -18.92
N PHE A 342 -4.43 11.22 -18.05
CA PHE A 342 -5.15 12.16 -17.18
C PHE A 342 -4.82 13.58 -17.60
N GLU A 343 -5.83 14.34 -18.02
CA GLU A 343 -5.59 15.73 -18.37
C GLU A 343 -5.23 16.52 -17.12
N ASN A 344 -4.18 17.35 -17.23
CA ASN A 344 -3.62 18.06 -16.07
C ASN A 344 -3.29 17.08 -14.95
N ALA A 345 -2.54 16.05 -15.32
CA ALA A 345 -2.21 14.97 -14.41
C ALA A 345 -1.48 15.45 -13.16
N ASP A 346 -0.82 16.62 -13.24
CA ASP A 346 -0.10 17.20 -12.12
C ASP A 346 -1.01 17.94 -11.15
N ARG A 347 -2.28 18.12 -11.48
CA ARG A 347 -3.22 18.82 -10.62
C ARG A 347 -4.09 17.84 -9.85
N PHE A 348 -4.33 18.15 -8.58
CA PHE A 348 -5.28 17.41 -7.75
C PHE A 348 -6.67 17.99 -7.99
N ASP A 349 -7.57 17.21 -8.56
CA ASP A 349 -8.93 17.66 -8.87
C ASP A 349 -9.90 16.56 -8.42
N LEU A 350 -10.57 16.78 -7.29
CA LEU A 350 -11.37 15.67 -6.76
C LEU A 350 -12.67 15.47 -7.51
N THR A 351 -12.98 16.33 -8.50
CA THR A 351 -14.12 16.13 -9.40
C THR A 351 -13.77 15.33 -10.64
N ARG A 352 -12.52 14.86 -10.75
CA ARG A 352 -12.08 14.13 -11.93
C ARG A 352 -12.95 12.90 -12.15
N GLU A 353 -13.53 12.79 -13.35
CA GLU A 353 -14.37 11.66 -13.70
C GLU A 353 -13.60 10.53 -14.36
N HIS A 354 -12.83 10.84 -15.40
CA HIS A 354 -11.97 9.85 -16.01
C HIS A 354 -10.75 9.64 -15.11
N ASN A 355 -10.63 8.46 -14.51
CA ASN A 355 -9.58 8.21 -13.51
C ASN A 355 -9.23 6.72 -13.48
N PRO A 356 -8.59 6.21 -14.54
CA PRO A 356 -8.15 4.80 -14.52
C PRO A 356 -6.80 4.64 -13.84
N HIS A 357 -6.73 5.05 -12.58
CA HIS A 357 -5.47 5.06 -11.84
C HIS A 357 -5.02 3.64 -11.52
N LEU A 358 -3.72 3.49 -11.31
CA LEU A 358 -3.13 2.21 -10.93
C LEU A 358 -2.69 2.18 -9.47
N GLY A 359 -3.28 3.03 -8.62
CA GLY A 359 -2.96 3.01 -7.19
C GLY A 359 -3.29 1.69 -6.50
N PHE A 360 -4.24 0.93 -7.03
CA PHE A 360 -4.61 -0.39 -6.51
C PHE A 360 -4.10 -1.52 -7.41
N GLY A 361 -3.14 -1.23 -8.28
CA GLY A 361 -2.61 -2.24 -9.17
C GLY A 361 -3.48 -2.51 -10.38
N TYR A 362 -3.15 -3.61 -11.06
CA TYR A 362 -3.82 -3.97 -12.29
C TYR A 362 -3.53 -5.44 -12.61
N GLY A 363 -4.50 -6.11 -13.20
CA GLY A 363 -4.32 -7.49 -13.61
C GLY A 363 -4.32 -8.51 -12.48
N ILE A 364 -3.56 -9.59 -12.70
CA ILE A 364 -3.49 -10.77 -11.78
C ILE A 364 -3.28 -10.37 -10.31
N HIS A 365 -2.40 -9.41 -10.03
CA HIS A 365 -2.05 -9.07 -8.66
C HIS A 365 -2.76 -7.81 -8.17
N ARG A 366 -3.82 -7.38 -8.84
CA ARG A 366 -4.50 -6.16 -8.39
C ARG A 366 -4.99 -6.32 -6.95
N CYS A 367 -5.05 -5.20 -6.24
CA CYS A 367 -5.28 -5.21 -4.80
C CYS A 367 -6.61 -5.87 -4.47
N LEU A 368 -6.58 -6.88 -3.62
CA LEU A 368 -7.84 -7.44 -3.18
C LEU A 368 -8.35 -6.84 -1.87
N GLY A 369 -7.56 -6.01 -1.20
CA GLY A 369 -8.08 -5.25 -0.07
C GLY A 369 -8.73 -3.93 -0.46
N ALA A 370 -8.79 -3.63 -1.76
CA ALA A 370 -9.26 -2.32 -2.20
C ALA A 370 -10.68 -1.98 -1.75
N PRO A 371 -11.67 -2.89 -1.79
CA PRO A 371 -12.98 -2.51 -1.23
C PRO A 371 -12.88 -2.06 0.22
N LEU A 372 -12.07 -2.73 1.04
CA LEU A 372 -11.96 -2.35 2.45
C LEU A 372 -11.20 -1.05 2.59
N ALA A 373 -10.08 -0.90 1.86
CA ALA A 373 -9.33 0.35 1.88
C ALA A 373 -10.23 1.52 1.49
N ARG A 374 -11.07 1.34 0.47
CA ARG A 374 -11.99 2.39 0.06
C ARG A 374 -12.98 2.74 1.16
N LEU A 375 -13.52 1.70 1.84
CA LEU A 375 -14.44 1.93 2.94
C LEU A 375 -13.77 2.69 4.08
N GLU A 376 -12.55 2.31 4.45
CA GLU A 376 -11.85 3.00 5.53
C GLU A 376 -11.60 4.46 5.19
N MET A 377 -11.08 4.72 3.99
CA MET A 377 -10.81 6.09 3.56
C MET A 377 -12.06 6.95 3.61
N GLN A 378 -13.16 6.47 3.01
CA GLN A 378 -14.39 7.25 3.01
C GLN A 378 -14.86 7.54 4.42
N VAL A 379 -14.91 6.51 5.27
CA VAL A 379 -15.41 6.66 6.64
C VAL A 379 -14.52 7.59 7.44
N ALA A 380 -13.21 7.42 7.35
CA ALA A 380 -12.26 8.27 8.07
C ALA A 380 -12.45 9.73 7.70
N LEU A 381 -12.47 10.03 6.40
CA LEU A 381 -12.54 11.41 5.96
C LEU A 381 -13.92 12.02 6.23
N ASP A 382 -14.99 11.28 5.96
CA ASP A 382 -16.33 11.78 6.29
C ASP A 382 -16.47 12.09 7.79
N SER A 383 -15.92 11.21 8.64
CA SER A 383 -16.04 11.41 10.08
C SER A 383 -15.27 12.65 10.54
N LEU A 384 -14.06 12.85 10.01
CA LEU A 384 -13.26 14.00 10.44
C LEU A 384 -13.91 15.31 10.01
N LEU A 385 -14.35 15.38 8.76
CA LEU A 385 -14.97 16.63 8.23
C LEU A 385 -16.33 16.88 8.88
N ARG A 386 -17.00 15.83 9.36
CA ARG A 386 -18.34 15.94 9.98
C ARG A 386 -18.20 16.34 11.46
N ARG A 387 -17.19 15.81 12.15
CA ARG A 387 -17.01 16.07 13.57
C ARG A 387 -16.12 17.29 13.83
N LEU A 388 -15.17 17.58 12.95
CA LEU A 388 -14.22 18.66 13.15
C LEU A 388 -14.30 19.60 11.94
N PRO A 389 -15.37 20.38 11.82
CA PRO A 389 -15.52 21.22 10.63
C PRO A 389 -14.39 22.23 10.43
N GLU A 390 -13.68 22.62 11.50
CA GLU A 390 -12.63 23.61 11.41
C GLU A 390 -11.24 23.00 11.33
N LEU A 391 -11.16 21.71 11.02
CA LEU A 391 -9.89 20.99 11.03
C LEU A 391 -8.87 21.66 10.11
N ARG A 392 -7.72 22.03 10.68
CA ARG A 392 -6.64 22.67 9.93
C ARG A 392 -5.30 22.18 10.46
N CYS A 393 -4.29 22.20 9.58
CA CYS A 393 -2.96 21.80 9.99
C CYS A 393 -2.37 22.85 10.94
N ALA A 394 -1.67 22.38 11.97
CA ALA A 394 -1.22 23.26 13.05
C ALA A 394 0.15 23.85 12.82
N VAL A 395 0.89 23.41 11.81
CA VAL A 395 2.24 23.91 11.55
C VAL A 395 2.38 24.15 10.05
N PRO A 396 3.37 24.94 9.63
CA PRO A 396 3.68 25.02 8.20
C PRO A 396 4.18 23.68 7.68
N ALA A 397 3.72 23.31 6.47
CA ALA A 397 4.08 22.01 5.90
C ALA A 397 5.59 21.81 5.82
N GLU A 398 6.37 22.90 5.83
CA GLU A 398 7.82 22.80 5.85
C GLU A 398 8.34 22.21 7.15
N SER A 399 7.60 22.35 8.24
CA SER A 399 8.02 21.83 9.54
C SER A 399 7.70 20.35 9.74
N LEU A 400 7.04 19.71 8.78
CA LEU A 400 6.60 18.33 8.98
C LEU A 400 7.77 17.36 8.84
N GLU A 401 7.68 16.25 9.56
CA GLU A 401 8.70 15.20 9.54
C GLU A 401 8.13 14.00 8.79
N TRP A 402 8.82 13.58 7.73
CA TRP A 402 8.41 12.42 6.96
C TRP A 402 9.25 11.19 7.32
N LYS A 403 8.68 10.01 7.08
CA LYS A 403 9.37 8.76 7.39
C LYS A 403 10.21 8.39 6.17
N ASP A 404 11.52 8.42 6.33
CA ASP A 404 12.42 8.10 5.22
C ASP A 404 12.84 6.64 5.30
N GLY A 405 13.23 6.10 4.13
CA GLY A 405 13.81 4.78 4.08
C GLY A 405 12.84 3.63 3.99
N MET A 406 11.61 3.87 3.54
CA MET A 406 10.57 2.87 3.44
C MET A 406 10.06 2.78 2.01
N GLN A 407 9.31 1.73 1.69
CA GLN A 407 8.81 1.60 0.33
C GLN A 407 7.57 2.45 0.06
N VAL A 408 6.94 3.02 1.09
CA VAL A 408 5.85 3.97 0.94
C VAL A 408 6.16 5.25 1.72
N ARG A 409 5.45 6.33 1.37
CA ARG A 409 5.67 7.62 2.00
C ARG A 409 4.65 7.80 3.11
N SER A 410 5.08 8.36 4.24
CA SER A 410 4.14 8.63 5.31
C SER A 410 4.72 9.67 6.26
N LEU A 411 3.82 10.44 6.86
CA LEU A 411 4.18 11.39 7.89
C LEU A 411 4.36 10.68 9.23
N LEU A 412 5.36 11.13 10.00
CA LEU A 412 5.50 10.62 11.36
C LEU A 412 4.49 11.27 12.31
N GLU A 413 4.07 12.50 12.01
CA GLU A 413 3.17 13.27 12.86
C GLU A 413 2.45 14.28 11.97
N LEU A 414 1.16 14.50 12.22
CA LEU A 414 0.40 15.53 11.51
C LEU A 414 -0.37 16.32 12.57
N PRO A 415 0.22 17.41 13.08
CA PRO A 415 -0.43 18.17 14.15
C PRO A 415 -1.55 19.05 13.60
N VAL A 416 -2.69 19.03 14.28
CA VAL A 416 -3.87 19.73 13.77
C VAL A 416 -4.54 20.53 14.89
N LEU A 417 -5.24 21.58 14.47
CA LEU A 417 -6.11 22.37 15.32
C LEU A 417 -7.54 22.22 14.82
N TRP A 418 -8.48 22.63 15.67
CA TRP A 418 -9.90 22.57 15.34
C TRP A 418 -10.66 23.49 16.29
CHA HEM B . -1.82 -5.66 -3.92
CHB HEM B . -2.20 -0.93 -2.98
CHC HEM B . -4.65 -1.93 1.10
CHD HEM B . -4.12 -6.65 0.23
C1A HEM B . -1.73 -4.29 -3.99
C2A HEM B . -1.09 -3.62 -5.05
C3A HEM B . -1.20 -2.29 -4.79
C4A HEM B . -1.90 -2.14 -3.57
CMA HEM B . -0.65 -1.19 -5.65
CAA HEM B . -0.40 -4.23 -6.25
CBA HEM B . 1.08 -4.43 -5.99
CGA HEM B . 1.84 -4.87 -7.23
O1A HEM B . 3.08 -4.86 -7.24
O2A HEM B . 1.22 -5.26 -8.25
C1B HEM B . -2.89 -0.83 -1.76
C2B HEM B . -3.16 0.42 -1.15
C3B HEM B . -3.85 0.17 0.00
C4B HEM B . -3.99 -1.31 0.05
CMB HEM B . -2.75 1.77 -1.67
CAB HEM B . -4.34 1.12 0.99
CBB HEM B . -4.88 2.28 0.64
C1C HEM B . -4.75 -3.31 1.22
C2C HEM B . -5.44 -4.00 2.22
C3C HEM B . -5.29 -5.34 1.96
C4C HEM B . -4.49 -5.47 0.80
CMC HEM B . -6.22 -3.38 3.34
CAC HEM B . -5.85 -6.46 2.74
CBC HEM B . -5.82 -6.46 4.07
C1D HEM B . -3.43 -6.72 -0.98
C2D HEM B . -3.03 -8.01 -1.54
C3D HEM B . -2.39 -7.74 -2.69
C4D HEM B . -2.41 -6.27 -2.83
CMD HEM B . -3.29 -9.37 -0.95
CAD HEM B . -1.80 -8.76 -3.63
CBD HEM B . -2.87 -9.47 -4.46
CGD HEM B . -2.29 -10.58 -5.30
O1D HEM B . -1.07 -10.83 -5.31
O2D HEM B . -3.05 -11.27 -6.01
NA HEM B . -2.24 -3.37 -3.10
NB HEM B . -3.41 -1.82 -1.03
NC HEM B . -4.19 -4.21 0.36
ND HEM B . -3.04 -5.71 -1.77
FE HEM B . -3.29 -3.87 -1.49
CA V3X C . 4.05 -1.28 -1.83
C V3X C . 4.08 -1.71 -0.37
O V3X C . 3.37 -1.14 0.44
CB V3X C . 2.76 -1.72 -2.55
CG1 V3X C . 1.54 -1.07 -1.90
CG2 V3X C . 2.62 -3.22 -2.56
CAA V3X C . 2.28 -8.47 -0.40
CAB V3X C . 0.92 -8.23 -0.56
CAC V3X C . 0.36 -7.01 -0.24
CAD V3X C . 1.20 -6.02 0.26
CAE V3X C . 2.58 -6.23 0.43
CAF V3X C . 3.12 -7.48 0.10
CAH V3X C . 2.10 -4.15 1.07
CAI V3X C . 3.14 -5.02 0.96
CAJ V3X C . 4.58 -4.76 1.31
CAK V3X C . 4.97 -3.28 1.30
CAL V3X C . 6.39 -3.10 1.82
F1 V3X C . 4.43 -7.75 0.24
NAG V3X C . 0.93 -4.74 0.65
NAM V3X C . 4.88 -2.73 -0.05
OAV V3X C . 7.35 -3.70 0.96
S1 V3X C . 5.53 -1.75 -2.77
#